data_3PFJ
#
_entry.id   3PFJ
#
_cell.length_a   74.592
_cell.length_b   74.592
_cell.length_c   169.302
_cell.angle_alpha   90.00
_cell.angle_beta   90.00
_cell.angle_gamma   90.00
#
_symmetry.space_group_name_H-M   'P 41 21 2'
#
loop_
_entity.id
_entity.type
_entity.pdbx_description
1 polymer 'Cellobiohydrolase 1 catalytic domain'
2 branched alpha-D-mannopyranose-(1-3)-beta-D-mannopyranose-(1-4)-2-acetamido-2-deoxy-beta-D-glucopyranose-(1-4)-2-acetamido-2-deoxy-beta-D-glucopyranose
3 branched 2-acetamido-2-deoxy-beta-D-glucopyranose-(1-4)-2-acetamido-2-deoxy-beta-D-glucopyranose
4 non-polymer 'SULFATE ION'
5 water water
#
_entity_poly.entity_id   1
_entity_poly.type   'polypeptide(L)'
_entity_poly.pdbx_seq_one_letter_code
;(PCA)QAGTATAENHPPLTWQECTAPGSCTTQNGAVVLDANWRWVHDVNGYTNCYTGNTWDPTYCPDDETCAQNCALDGA
DYEGTYGVTSSGSSLKLNFVTGSNVGSRLYLLQDDSTYQIFKLLNREFSFDVDVSNLPCGLNGALYFVAMDADGGVSKYP
NNKAGAKYGTGYCDSQCPRDLKFIDGEANVEGWQPSSNNANTGIGDHGSCCAEMDVWEANSISNAVTPHPCDTPGQTMCS
GDDCGGTYSNDRYAGTCDPDGCDFNPYRMGNTSFYGPGKIIDTTKPFTVVTQFLTDDGTDTGTLSEIKRFYIQNSNVIPQ
PNSDISGVTGNSITTEFCTAQKQAFGDTDDFSQHGGLAKMGAAMQQGMVLVMSLWDDYAAQMLWLDSDYPTDADPTTPGI
ARGTCPTDSGVPSDVESQSPNSYVTYSNIKFGPINSTFTAS
;
_entity_poly.pdbx_strand_id   A
#
loop_
_chem_comp.id
_chem_comp.type
_chem_comp.name
_chem_comp.formula
BMA D-saccharide, beta linking beta-D-mannopyranose 'C6 H12 O6'
MAN D-saccharide, alpha linking alpha-D-mannopyranose 'C6 H12 O6'
NAG D-saccharide, beta linking 2-acetamido-2-deoxy-beta-D-glucopyranose 'C8 H15 N O6'
SO4 non-polymer 'SULFATE ION' 'O4 S -2'
#
# COMPACT_ATOMS: atom_id res chain seq x y z
N PCA A 1 0.35 -19.20 12.00
CA PCA A 1 -0.64 -19.91 11.24
CB PCA A 1 -1.44 -18.96 10.33
CG PCA A 1 -0.39 -17.87 10.13
CD PCA A 1 0.59 -17.96 11.36
OE PCA A 1 1.41 -17.17 11.69
C PCA A 1 -0.03 -21.11 10.44
O PCA A 1 1.08 -20.99 9.97
H PCA A 1 0.76 -19.46 12.72
HA PCA A 1 -1.35 -20.33 11.94
HB2 PCA A 1 -1.69 -19.42 9.39
HB3 PCA A 1 -2.31 -18.57 10.83
HG2 PCA A 1 0.16 -18.04 9.22
HG3 PCA A 1 -0.85 -16.89 10.11
N GLN A 2 -0.79 -22.17 10.29
CA GLN A 2 -0.39 -23.29 9.46
C GLN A 2 -0.64 -22.98 7.98
N ALA A 3 0.01 -23.77 7.12
CA ALA A 3 -0.20 -23.70 5.68
C ALA A 3 -1.43 -24.50 5.30
N GLY A 4 -2.43 -23.84 4.74
CA GLY A 4 -3.68 -24.50 4.44
C GLY A 4 -3.60 -25.52 3.32
N THR A 5 -4.61 -26.37 3.32
CA THR A 5 -4.70 -27.52 2.41
C THR A 5 -6.07 -27.71 1.78
N ALA A 6 -7.10 -26.96 2.15
CA ALA A 6 -8.40 -27.13 1.50
C ALA A 6 -8.39 -26.75 0.01
N THR A 7 -7.78 -25.60 -0.28
CA THR A 7 -7.65 -25.03 -1.60
C THR A 7 -6.16 -24.97 -1.89
N ALA A 8 -5.77 -25.41 -3.07
CA ALA A 8 -4.38 -25.39 -3.47
C ALA A 8 -3.90 -23.96 -3.68
N GLU A 9 -2.61 -23.74 -3.40
CA GLU A 9 -1.96 -22.45 -3.62
C GLU A 9 -0.98 -22.53 -4.78
N ASN A 10 -1.16 -21.66 -5.76
CA ASN A 10 -0.23 -21.48 -6.87
C ASN A 10 -0.13 -19.97 -7.09
N HIS A 11 1.07 -19.42 -7.14
CA HIS A 11 1.26 -17.99 -7.26
C HIS A 11 1.21 -17.56 -8.71
N PRO A 12 0.29 -16.66 -9.07
CA PRO A 12 0.26 -16.21 -10.46
C PRO A 12 1.60 -15.64 -10.91
N PRO A 13 2.07 -15.99 -12.10
CA PRO A 13 3.32 -15.43 -12.59
C PRO A 13 3.20 -13.99 -13.03
N LEU A 14 4.30 -13.26 -12.95
CA LEU A 14 4.34 -11.86 -13.37
C LEU A 14 5.76 -11.52 -13.73
N THR A 15 5.98 -11.13 -14.98
CA THR A 15 7.32 -10.67 -15.35
C THR A 15 7.50 -9.21 -14.98
N TRP A 16 8.76 -8.83 -14.78
CA TRP A 16 9.16 -7.45 -14.56
C TRP A 16 10.58 -7.29 -15.06
N GLN A 17 11.08 -6.08 -15.17
CA GLN A 17 12.40 -5.84 -15.75
C GLN A 17 13.34 -5.13 -14.82
N GLU A 18 14.59 -5.56 -14.88
CA GLU A 18 15.72 -4.81 -14.33
C GLU A 18 16.41 -4.09 -15.47
N CYS A 19 16.66 -2.80 -15.31
CA CYS A 19 17.33 -2.02 -16.35
C CYS A 19 18.70 -1.57 -15.87
N THR A 20 19.67 -1.59 -16.78
CA THR A 20 21.02 -1.14 -16.44
C THR A 20 21.32 0.25 -17.02
N ALA A 21 20.61 0.64 -18.04
CA ALA A 21 20.77 1.93 -18.72
C ALA A 21 19.54 2.10 -19.58
N PRO A 22 19.27 3.31 -20.07
CA PRO A 22 18.08 3.50 -20.90
C PRO A 22 18.01 2.58 -22.10
N GLY A 23 16.89 1.89 -22.28
CA GLY A 23 16.70 0.99 -23.41
C GLY A 23 17.37 -0.37 -23.23
N SER A 24 17.98 -0.59 -22.08
CA SER A 24 18.72 -1.81 -21.81
C SER A 24 18.21 -2.48 -20.54
N CYS A 25 17.24 -3.37 -20.74
CA CYS A 25 16.58 -4.06 -19.65
C CYS A 25 16.51 -5.55 -19.93
N THR A 26 16.43 -6.33 -18.86
CA THR A 26 16.26 -7.78 -18.97
C THR A 26 15.14 -8.25 -18.06
N THR A 27 14.59 -9.39 -18.37
CA THR A 27 13.34 -9.84 -17.77
C THR A 27 13.57 -10.78 -16.60
N GLN A 28 12.84 -10.50 -15.52
CA GLN A 28 12.77 -11.33 -14.34
C GLN A 28 11.43 -12.05 -14.35
N ASN A 29 11.45 -13.35 -14.04
CA ASN A 29 10.26 -14.15 -13.98
C ASN A 29 9.75 -14.22 -12.55
N GLY A 30 8.96 -13.21 -12.21
CA GLY A 30 8.40 -13.06 -10.88
C GLY A 30 7.08 -13.80 -10.74
N ALA A 31 6.46 -13.61 -9.59
CA ALA A 31 5.14 -14.13 -9.29
C ALA A 31 4.59 -13.28 -8.16
N VAL A 32 3.29 -13.37 -7.93
CA VAL A 32 2.66 -12.64 -6.86
C VAL A 32 1.92 -13.59 -5.93
N VAL A 33 1.72 -13.13 -4.69
CA VAL A 33 1.02 -13.89 -3.68
C VAL A 33 0.03 -13.00 -2.95
N LEU A 34 -1.15 -13.57 -2.69
CA LEU A 34 -2.20 -12.90 -1.95
C LEU A 34 -1.88 -12.78 -0.47
N ASP A 35 -2.11 -11.60 0.08
CA ASP A 35 -1.96 -11.36 1.50
C ASP A 35 -2.77 -12.34 2.35
N ALA A 36 -2.15 -12.77 3.45
CA ALA A 36 -2.71 -13.73 4.37
C ALA A 36 -4.11 -13.38 4.83
N ASN A 37 -4.36 -12.09 5.05
CA ASN A 37 -5.57 -11.66 5.69
C ASN A 37 -6.81 -11.74 4.81
N TRP A 38 -6.66 -12.03 3.51
CA TRP A 38 -7.81 -12.28 2.61
C TRP A 38 -8.22 -13.74 2.59
N ARG A 39 -7.40 -14.63 3.15
CA ARG A 39 -7.60 -16.08 3.02
C ARG A 39 -8.61 -16.63 4.02
N TRP A 40 -9.25 -17.72 3.64
CA TRP A 40 -10.06 -18.48 4.57
C TRP A 40 -9.15 -19.08 5.63
N VAL A 41 -9.59 -19.08 6.88
CA VAL A 41 -8.85 -19.67 7.98
C VAL A 41 -9.58 -20.93 8.42
N HIS A 42 -8.99 -22.08 8.14
CA HIS A 42 -9.63 -23.37 8.41
C HIS A 42 -8.90 -24.13 9.50
N ASP A 43 -9.66 -24.90 10.28
CA ASP A 43 -9.03 -25.69 11.31
C ASP A 43 -8.26 -26.80 10.56
N VAL A 44 -7.08 -27.15 11.05
CA VAL A 44 -6.18 -28.03 10.31
C VAL A 44 -6.78 -29.42 10.08
N ASN A 45 -7.63 -29.89 11.00
CA ASN A 45 -8.15 -31.26 10.93
C ASN A 45 -9.48 -31.43 10.20
N GLY A 46 -10.45 -30.60 10.55
CA GLY A 46 -11.81 -30.72 10.04
C GLY A 46 -12.18 -29.87 8.84
N TYR A 47 -11.33 -28.92 8.46
CA TYR A 47 -11.67 -27.98 7.40
C TYR A 47 -12.94 -27.21 7.68
N THR A 48 -13.11 -26.81 8.93
CA THR A 48 -14.21 -25.94 9.29
C THR A 48 -13.64 -24.57 9.65
N ASN A 49 -14.52 -23.60 9.83
CA ASN A 49 -14.09 -22.23 10.07
C ASN A 49 -13.37 -22.06 11.42
N CYS A 50 -12.16 -21.52 11.42
CA CYS A 50 -11.60 -20.89 12.63
C CYS A 50 -12.14 -19.49 12.85
N TYR A 51 -12.55 -18.85 11.76
CA TYR A 51 -12.97 -17.46 11.75
C TYR A 51 -14.10 -17.40 10.74
N THR A 52 -15.21 -16.80 11.17
CA THR A 52 -16.45 -16.75 10.39
C THR A 52 -16.99 -15.34 10.45
N GLY A 53 -17.11 -14.69 9.30
CA GLY A 53 -17.54 -13.31 9.26
C GLY A 53 -16.52 -12.43 9.92
N ASN A 54 -16.76 -12.04 11.16
CA ASN A 54 -15.73 -11.33 11.91
C ASN A 54 -15.53 -11.83 13.34
N THR A 55 -15.89 -13.09 13.62
CA THR A 55 -15.59 -13.67 14.92
C THR A 55 -14.87 -15.02 14.82
N TRP A 56 -14.16 -15.36 15.89
CA TRP A 56 -13.32 -16.54 15.95
C TRP A 56 -14.00 -17.70 16.67
N ASP A 57 -13.65 -18.92 16.29
CA ASP A 57 -14.15 -20.11 16.98
C ASP A 57 -13.42 -20.30 18.30
N PRO A 58 -14.15 -20.47 19.42
CA PRO A 58 -13.47 -20.48 20.73
C PRO A 58 -12.81 -21.80 21.08
N THR A 59 -13.16 -22.88 20.40
CA THR A 59 -12.49 -24.15 20.62
C THR A 59 -11.13 -24.19 19.89
N TYR A 60 -11.11 -23.77 18.63
CA TYR A 60 -9.84 -23.75 17.91
C TYR A 60 -8.96 -22.61 18.36
N CYS A 61 -9.57 -21.50 18.76
CA CYS A 61 -8.85 -20.27 19.08
C CYS A 61 -9.19 -19.70 20.46
N PRO A 62 -8.88 -20.45 21.53
CA PRO A 62 -9.11 -19.93 22.88
C PRO A 62 -8.12 -18.83 23.26
N ASP A 63 -6.98 -18.80 22.58
CA ASP A 63 -5.96 -17.76 22.78
C ASP A 63 -5.13 -17.69 21.50
N ASP A 64 -4.24 -16.70 21.46
CA ASP A 64 -3.51 -16.39 20.23
C ASP A 64 -2.60 -17.51 19.77
N GLU A 65 -1.90 -18.16 20.71
CA GLU A 65 -0.94 -19.20 20.37
C GLU A 65 -1.64 -20.48 19.92
N THR A 66 -2.65 -20.90 20.67
CA THR A 66 -3.37 -22.10 20.35
C THR A 66 -4.03 -21.99 18.98
N CYS A 67 -4.60 -20.81 18.70
CA CYS A 67 -5.23 -20.53 17.43
C CYS A 67 -4.25 -20.73 16.27
N ALA A 68 -3.04 -20.19 16.40
CA ALA A 68 -2.02 -20.35 15.36
C ALA A 68 -1.60 -21.80 15.16
N GLN A 69 -1.63 -22.60 16.22
CA GLN A 69 -1.35 -24.04 16.09
C GLN A 69 -2.48 -24.81 15.42
N ASN A 70 -3.73 -24.39 15.64
CA ASN A 70 -4.90 -25.17 15.21
C ASN A 70 -5.46 -24.75 13.87
N CYS A 71 -5.03 -23.60 13.37
CA CYS A 71 -5.66 -22.98 12.22
C CYS A 71 -4.68 -22.70 11.10
N ALA A 72 -5.17 -22.83 9.87
CA ALA A 72 -4.37 -22.69 8.67
C ALA A 72 -4.95 -21.62 7.77
N LEU A 73 -4.04 -20.95 7.04
CA LEU A 73 -4.41 -20.01 5.99
C LEU A 73 -4.60 -20.79 4.70
N ASP A 74 -5.80 -20.77 4.13
CA ASP A 74 -6.10 -21.57 2.95
C ASP A 74 -5.40 -21.03 1.72
N GLY A 75 -5.20 -21.90 0.75
CA GLY A 75 -4.82 -21.45 -0.57
C GLY A 75 -5.91 -20.62 -1.20
N ALA A 76 -5.58 -19.97 -2.31
CA ALA A 76 -6.47 -19.01 -2.97
C ALA A 76 -6.76 -19.38 -4.40
N ASP A 77 -8.04 -19.35 -4.79
CA ASP A 77 -8.43 -19.36 -6.20
C ASP A 77 -8.37 -17.91 -6.66
N TYR A 78 -7.23 -17.54 -7.23
CA TYR A 78 -6.96 -16.13 -7.49
C TYR A 78 -8.04 -15.48 -8.35
N GLU A 79 -8.35 -16.08 -9.50
CA GLU A 79 -9.33 -15.47 -10.38
C GLU A 79 -10.75 -15.63 -9.85
N GLY A 80 -11.10 -16.86 -9.52
CA GLY A 80 -12.48 -17.20 -9.21
C GLY A 80 -12.99 -16.61 -7.91
N THR A 81 -12.14 -16.53 -6.90
CA THR A 81 -12.54 -16.00 -5.60
C THR A 81 -12.14 -14.53 -5.42
N TYR A 82 -10.97 -14.14 -5.91
CA TYR A 82 -10.41 -12.84 -5.58
C TYR A 82 -10.35 -11.87 -6.76
N GLY A 83 -10.69 -12.32 -7.95
CA GLY A 83 -10.67 -11.44 -9.10
C GLY A 83 -9.29 -10.97 -9.54
N VAL A 84 -8.27 -11.77 -9.27
CA VAL A 84 -6.89 -11.47 -9.60
C VAL A 84 -6.45 -12.30 -10.79
N THR A 85 -5.97 -11.66 -11.85
CA THR A 85 -5.40 -12.36 -12.98
C THR A 85 -4.08 -11.72 -13.36
N SER A 86 -3.25 -12.47 -14.07
CA SER A 86 -2.02 -11.92 -14.63
C SER A 86 -1.79 -12.47 -16.00
N SER A 87 -1.02 -11.74 -16.79
CA SER A 87 -0.65 -12.16 -18.13
C SER A 87 0.59 -11.37 -18.51
N GLY A 88 1.68 -12.04 -18.83
CA GLY A 88 2.92 -11.34 -19.15
C GLY A 88 3.36 -10.47 -17.98
N SER A 89 3.53 -9.17 -18.25
CA SER A 89 3.96 -8.21 -17.24
C SER A 89 2.77 -7.50 -16.57
N SER A 90 1.55 -7.97 -16.83
CA SER A 90 0.36 -7.28 -16.38
CA SER A 90 0.33 -7.29 -16.36
C SER A 90 -0.36 -8.04 -15.25
N LEU A 91 -0.80 -7.29 -14.24
CA LEU A 91 -1.56 -7.80 -13.10
C LEU A 91 -2.85 -7.00 -12.99
N LYS A 92 -3.99 -7.68 -13.09
CA LYS A 92 -5.29 -7.02 -13.02
C LYS A 92 -6.00 -7.44 -11.77
N LEU A 93 -6.41 -6.45 -10.97
CA LEU A 93 -7.14 -6.65 -9.74
C LEU A 93 -8.56 -6.12 -9.87
N ASN A 94 -9.54 -7.01 -9.81
CA ASN A 94 -10.94 -6.61 -9.82
C ASN A 94 -11.43 -6.22 -8.44
N PHE A 95 -12.46 -5.38 -8.37
CA PHE A 95 -12.92 -4.84 -7.10
C PHE A 95 -13.80 -5.87 -6.37
N VAL A 96 -15.03 -6.14 -6.82
CA VAL A 96 -15.89 -7.09 -6.13
C VAL A 96 -15.99 -8.41 -6.87
N THR A 97 -15.70 -9.49 -6.16
CA THR A 97 -15.89 -10.83 -6.72
C THR A 97 -16.65 -11.63 -5.68
N GLY A 98 -17.92 -11.92 -5.92
CA GLY A 98 -18.72 -12.56 -4.87
C GLY A 98 -18.73 -11.73 -3.59
N SER A 99 -18.41 -12.34 -2.45
CA SER A 99 -18.40 -11.63 -1.18
C SER A 99 -17.03 -11.01 -0.90
N ASN A 100 -16.11 -11.12 -1.86
CA ASN A 100 -14.77 -10.59 -1.69
C ASN A 100 -14.64 -9.16 -2.21
N VAL A 101 -13.91 -8.34 -1.46
CA VAL A 101 -13.62 -6.96 -1.90
C VAL A 101 -12.12 -6.73 -1.99
N GLY A 102 -11.68 -6.43 -3.18
CA GLY A 102 -10.31 -6.04 -3.42
C GLY A 102 -9.30 -7.13 -3.13
N SER A 103 -8.05 -6.72 -2.98
CA SER A 103 -6.95 -7.67 -2.79
C SER A 103 -5.69 -6.87 -2.48
N ARG A 104 -4.72 -7.56 -1.90
CA ARG A 104 -3.38 -7.01 -1.66
C ARG A 104 -2.40 -8.14 -1.97
N LEU A 105 -1.43 -7.87 -2.82
CA LEU A 105 -0.50 -8.86 -3.37
C LEU A 105 0.93 -8.40 -3.21
N TYR A 106 1.85 -9.33 -3.04
CA TYR A 106 3.29 -9.06 -2.94
C TYR A 106 4.04 -9.72 -4.07
N LEU A 107 5.07 -9.03 -4.57
CA LEU A 107 5.94 -9.63 -5.58
C LEU A 107 6.98 -10.55 -4.92
N LEU A 108 7.10 -11.76 -5.48
CA LEU A 108 7.98 -12.81 -4.97
C LEU A 108 9.25 -12.96 -5.82
N GLN A 109 10.37 -13.12 -5.12
CA GLN A 109 11.61 -13.61 -5.72
C GLN A 109 11.52 -15.12 -5.97
N ASP A 110 10.99 -15.86 -5.01
CA ASP A 110 10.73 -17.29 -5.17
C ASP A 110 9.53 -17.67 -4.33
N ASP A 111 9.16 -18.94 -4.32
CA ASP A 111 7.88 -19.34 -3.75
C ASP A 111 7.79 -19.16 -2.25
N SER A 112 8.91 -18.83 -1.61
CA SER A 112 8.95 -18.66 -0.15
C SER A 112 9.58 -17.34 0.26
N THR A 113 9.82 -16.42 -0.69
CA THR A 113 10.63 -15.25 -0.41
C THR A 113 10.16 -14.06 -1.23
N TYR A 114 9.75 -12.99 -0.56
CA TYR A 114 9.42 -11.76 -1.26
C TYR A 114 10.64 -11.16 -1.95
N GLN A 115 10.42 -10.51 -3.08
CA GLN A 115 11.47 -9.78 -3.77
C GLN A 115 11.81 -8.52 -2.97
N ILE A 116 13.06 -8.37 -2.59
CA ILE A 116 13.49 -7.18 -1.85
C ILE A 116 14.07 -6.18 -2.83
N PHE A 117 13.56 -4.96 -2.76
CA PHE A 117 14.10 -3.83 -3.51
C PHE A 117 14.88 -2.93 -2.58
N LYS A 118 16.07 -2.50 -3.03
CA LYS A 118 16.89 -1.50 -2.36
C LYS A 118 16.74 -0.20 -3.15
N LEU A 119 15.85 0.67 -2.68
CA LEU A 119 15.42 1.83 -3.46
C LEU A 119 16.39 3.01 -3.50
N LEU A 120 17.36 3.08 -2.59
CA LEU A 120 18.20 4.28 -2.52
C LEU A 120 18.99 4.45 -3.80
N ASN A 121 18.95 5.65 -4.36
CA ASN A 121 19.66 5.95 -5.59
C ASN A 121 19.20 5.08 -6.74
N ARG A 122 17.90 4.75 -6.75
CA ARG A 122 17.27 3.96 -7.81
C ARG A 122 15.98 4.61 -8.29
N GLU A 123 15.46 4.03 -9.35
CA GLU A 123 14.28 4.48 -10.02
C GLU A 123 13.36 3.28 -10.24
N PHE A 124 12.06 3.48 -10.03
CA PHE A 124 11.07 2.45 -10.24
C PHE A 124 9.99 3.01 -11.16
N SER A 125 9.62 2.26 -12.21
CA SER A 125 8.62 2.67 -13.17
C SER A 125 7.59 1.57 -13.31
N PHE A 126 6.35 1.96 -13.57
CA PHE A 126 5.31 1.00 -13.92
C PHE A 126 4.28 1.71 -14.76
N ASP A 127 3.52 0.92 -15.52
CA ASP A 127 2.37 1.42 -16.26
C ASP A 127 1.11 1.09 -15.44
N VAL A 128 0.11 1.93 -15.57
CA VAL A 128 -1.14 1.69 -14.85
C VAL A 128 -2.34 2.15 -15.67
N ASP A 129 -3.43 1.43 -15.49
CA ASP A 129 -4.73 1.79 -16.02
C ASP A 129 -5.64 2.03 -14.82
N VAL A 130 -5.95 3.32 -14.57
CA VAL A 130 -6.86 3.72 -13.48
C VAL A 130 -8.21 4.19 -14.03
N SER A 131 -8.46 3.96 -15.31
CA SER A 131 -9.65 4.51 -15.98
C SER A 131 -10.95 4.01 -15.40
N ASN A 132 -10.92 2.86 -14.76
CA ASN A 132 -12.10 2.26 -14.14
C ASN A 132 -12.02 2.29 -12.61
N LEU A 133 -11.38 3.33 -12.06
CA LEU A 133 -11.33 3.56 -10.62
C LEU A 133 -12.04 4.88 -10.29
N PRO A 134 -13.27 4.82 -9.78
CA PRO A 134 -14.03 6.00 -9.43
C PRO A 134 -13.76 6.45 -8.01
N CYS A 135 -14.46 7.51 -7.60
CA CYS A 135 -14.36 8.00 -6.23
C CYS A 135 -14.43 6.88 -5.24
N GLY A 136 -13.58 6.94 -4.22
CA GLY A 136 -13.65 5.99 -3.13
C GLY A 136 -12.78 4.75 -3.27
N LEU A 137 -12.21 4.51 -4.44
CA LEU A 137 -11.33 3.36 -4.66
C LEU A 137 -9.89 3.81 -4.71
N ASN A 138 -8.99 2.95 -4.28
CA ASN A 138 -7.56 3.23 -4.27
C ASN A 138 -6.85 2.01 -4.82
N GLY A 139 -6.30 2.17 -6.02
CA GLY A 139 -5.34 1.22 -6.58
C GLY A 139 -3.98 1.65 -6.07
N ALA A 140 -3.45 0.95 -5.08
CA ALA A 140 -2.19 1.35 -4.46
C ALA A 140 -1.05 0.42 -4.84
N LEU A 141 0.06 1.01 -5.27
CA LEU A 141 1.32 0.30 -5.50
C LEU A 141 2.34 0.97 -4.59
N TYR A 142 2.99 0.21 -3.74
CA TYR A 142 3.80 0.81 -2.71
C TYR A 142 4.80 -0.17 -2.15
N PHE A 143 5.68 0.29 -1.28
CA PHE A 143 6.70 -0.54 -0.67
C PHE A 143 6.57 -0.49 0.84
N VAL A 144 6.77 -1.61 1.50
CA VAL A 144 6.82 -1.68 2.97
C VAL A 144 8.01 -2.52 3.41
N ALA A 145 8.55 -2.20 4.59
CA ALA A 145 9.71 -2.91 5.10
C ALA A 145 9.33 -4.20 5.82
N MET A 146 8.71 -5.11 5.07
CA MET A 146 8.44 -6.47 5.52
C MET A 146 9.71 -7.32 5.49
N ASP A 147 9.71 -8.38 6.29
CA ASP A 147 10.74 -9.41 6.20
C ASP A 147 10.56 -10.22 4.91
N ALA A 148 11.67 -10.51 4.22
CA ALA A 148 11.62 -11.24 2.97
C ALA A 148 10.95 -12.59 3.12
N ASP A 149 11.15 -13.25 4.27
CA ASP A 149 10.62 -14.58 4.49
C ASP A 149 9.21 -14.59 5.10
N GLY A 150 8.61 -13.43 5.24
CA GLY A 150 7.26 -13.34 5.79
C GLY A 150 7.16 -13.61 7.28
N GLY A 151 8.30 -13.70 7.97
CA GLY A 151 8.34 -13.94 9.40
C GLY A 151 8.75 -15.33 9.84
N VAL A 152 8.92 -16.28 8.94
CA VAL A 152 9.05 -17.68 9.34
C VAL A 152 10.27 -17.94 10.21
N SER A 153 11.41 -17.30 9.96
CA SER A 153 12.63 -17.61 10.72
C SER A 153 12.56 -17.06 12.14
N LYS A 154 11.72 -16.08 12.38
CA LYS A 154 11.56 -15.49 13.72
C LYS A 154 10.45 -16.13 14.54
N TYR A 155 9.43 -16.65 13.85
CA TYR A 155 8.16 -17.02 14.46
C TYR A 155 7.80 -18.45 14.10
N PRO A 156 8.24 -19.43 14.91
CA PRO A 156 8.06 -20.83 14.50
C PRO A 156 6.61 -21.25 14.27
N ASN A 157 5.64 -20.62 14.91
CA ASN A 157 4.26 -21.02 14.67
C ASN A 157 3.66 -20.39 13.43
N ASN A 158 4.43 -19.56 12.72
CA ASN A 158 4.11 -19.20 11.34
C ASN A 158 4.74 -20.22 10.42
N LYS A 159 3.95 -21.22 10.02
CA LYS A 159 4.38 -22.24 9.08
C LYS A 159 3.95 -21.89 7.66
N ALA A 160 3.09 -20.91 7.52
CA ALA A 160 2.56 -20.52 6.21
C ALA A 160 3.53 -19.68 5.41
N GLY A 161 4.05 -18.62 6.00
CA GLY A 161 5.12 -17.85 5.42
C GLY A 161 4.74 -16.99 4.22
N ALA A 162 5.76 -16.51 3.54
CA ALA A 162 5.55 -15.72 2.33
C ALA A 162 4.76 -16.48 1.27
N LYS A 163 4.87 -17.81 1.27
CA LYS A 163 4.11 -18.63 0.32
C LYS A 163 2.60 -18.38 0.46
N TYR A 164 2.15 -17.94 1.64
CA TYR A 164 0.74 -17.62 1.90
C TYR A 164 0.57 -16.14 2.27
N GLY A 165 1.56 -15.30 1.93
CA GLY A 165 1.38 -13.86 2.08
C GLY A 165 1.41 -13.36 3.52
N THR A 166 2.15 -14.02 4.42
CA THR A 166 2.24 -13.55 5.81
C THR A 166 3.21 -12.37 5.96
N GLY A 167 3.11 -11.72 7.11
CA GLY A 167 4.13 -10.75 7.49
C GLY A 167 3.86 -9.30 7.16
N TYR A 168 2.70 -8.95 6.64
CA TYR A 168 2.42 -7.56 6.32
C TYR A 168 2.63 -6.64 7.51
N CYS A 169 3.06 -5.43 7.17
CA CYS A 169 3.13 -4.30 8.07
C CYS A 169 3.01 -3.05 7.24
N ASP A 170 2.60 -1.95 7.86
CA ASP A 170 2.67 -0.65 7.20
C ASP A 170 2.65 0.44 8.25
N SER A 171 2.60 1.69 7.80
CA SER A 171 2.76 2.82 8.72
C SER A 171 1.51 3.14 9.50
N GLN A 172 0.41 2.43 9.25
CA GLN A 172 -0.78 2.50 10.08
C GLN A 172 -0.74 1.51 11.23
N CYS A 173 0.32 0.72 11.35
CA CYS A 173 0.38 -0.31 12.39
C CYS A 173 -0.91 -1.13 12.46
N PRO A 174 -1.31 -1.71 11.32
CA PRO A 174 -2.62 -2.34 11.23
C PRO A 174 -2.87 -3.42 12.28
N ARG A 175 -4.02 -3.30 12.92
CA ARG A 175 -4.50 -4.22 13.95
C ARG A 175 -5.62 -5.11 13.43
N ASP A 176 -5.96 -4.97 12.15
CA ASP A 176 -6.99 -5.80 11.50
C ASP A 176 -6.46 -7.16 11.05
N LEU A 177 -5.15 -7.36 11.17
CA LEU A 177 -4.52 -8.59 10.73
C LEU A 177 -4.84 -9.72 11.69
N LYS A 178 -5.31 -10.84 11.17
CA LYS A 178 -5.71 -11.98 11.99
C LYS A 178 -4.53 -12.76 12.58
N PHE A 179 -3.38 -12.72 11.92
CA PHE A 179 -2.15 -13.33 12.43
C PHE A 179 -1.01 -12.32 12.30
N ILE A 180 -0.31 -12.10 13.40
CA ILE A 180 0.87 -11.26 13.44
C ILE A 180 1.92 -12.01 14.26
N ASP A 181 3.11 -12.14 13.70
CA ASP A 181 4.27 -12.70 14.42
C ASP A 181 3.98 -14.10 14.97
N GLY A 182 3.31 -14.91 14.17
CA GLY A 182 3.12 -16.32 14.50
C GLY A 182 2.03 -16.57 15.52
N GLU A 183 1.27 -15.55 15.85
CA GLU A 183 0.17 -15.61 16.80
C GLU A 183 -1.08 -15.11 16.14
N ALA A 184 -2.23 -15.66 16.49
CA ALA A 184 -3.48 -15.06 16.05
C ALA A 184 -3.73 -13.77 16.79
N ASN A 185 -4.80 -13.07 16.44
CA ASN A 185 -5.18 -11.81 17.07
C ASN A 185 -6.55 -11.91 17.73
N VAL A 186 -6.87 -13.08 18.25
CA VAL A 186 -8.19 -13.35 18.85
C VAL A 186 -8.30 -12.70 20.23
N GLU A 187 -7.21 -12.62 20.97
CA GLU A 187 -7.24 -11.92 22.24
C GLU A 187 -7.40 -10.41 21.96
N GLY A 188 -8.49 -9.88 22.45
CA GLY A 188 -8.78 -8.48 22.31
C GLY A 188 -9.53 -8.20 21.04
N TRP A 189 -9.93 -9.24 20.30
CA TRP A 189 -10.55 -9.02 19.01
C TRP A 189 -11.89 -8.31 19.17
N GLN A 190 -12.10 -7.28 18.38
CA GLN A 190 -13.32 -6.50 18.37
C GLN A 190 -13.82 -6.40 16.92
N PRO A 191 -14.93 -7.07 16.61
CA PRO A 191 -15.56 -7.01 15.29
C PRO A 191 -15.85 -5.57 14.87
N SER A 192 -15.62 -5.28 13.59
CA SER A 192 -15.91 -3.98 13.01
C SER A 192 -17.41 -3.71 12.99
N SER A 193 -17.79 -2.52 13.46
CA SER A 193 -19.21 -2.17 13.46
C SER A 193 -19.74 -1.99 12.04
N ASN A 194 -18.88 -1.60 11.11
CA ASN A 194 -19.32 -1.28 9.76
C ASN A 194 -18.80 -2.20 8.68
N ASN A 195 -18.21 -3.33 9.07
CA ASN A 195 -17.72 -4.28 8.08
C ASN A 195 -17.90 -5.69 8.61
N ALA A 196 -18.76 -6.46 7.93
CA ALA A 196 -19.12 -7.81 8.37
C ALA A 196 -17.94 -8.78 8.34
N ASN A 197 -16.87 -8.42 7.65
CA ASN A 197 -15.75 -9.34 7.45
C ASN A 197 -14.46 -8.99 8.20
N THR A 198 -14.46 -7.91 8.97
CA THR A 198 -13.22 -7.46 9.59
C THR A 198 -13.38 -7.14 11.06
N GLY A 199 -12.25 -6.95 11.73
CA GLY A 199 -12.21 -6.55 13.11
C GLY A 199 -10.86 -5.95 13.43
N ILE A 200 -10.65 -5.70 14.71
CA ILE A 200 -9.43 -5.08 15.23
C ILE A 200 -9.01 -5.87 16.46
N GLY A 201 -7.77 -6.33 16.54
CA GLY A 201 -7.28 -6.99 17.75
C GLY A 201 -6.27 -6.15 18.49
N ASP A 202 -5.72 -6.74 19.54
CA ASP A 202 -4.78 -6.01 20.38
C ASP A 202 -3.46 -5.80 19.67
N HIS A 203 -3.05 -6.72 18.80
CA HIS A 203 -1.75 -6.59 18.14
C HIS A 203 -1.85 -5.86 16.83
N GLY A 204 -0.85 -5.04 16.54
CA GLY A 204 -0.69 -4.38 15.26
C GLY A 204 0.70 -4.61 14.70
N SER A 205 0.89 -4.35 13.40
CA SER A 205 2.14 -4.67 12.73
C SER A 205 2.66 -3.43 12.00
N CYS A 206 3.69 -2.83 12.58
CA CYS A 206 4.23 -1.54 12.12
C CYS A 206 5.47 -1.69 11.27
N CYS A 207 5.60 -0.88 10.23
CA CYS A 207 6.87 -0.66 9.55
C CYS A 207 6.75 0.52 8.61
N ALA A 208 7.89 1.06 8.20
CA ALA A 208 7.89 2.16 7.26
C ALA A 208 7.28 1.78 5.94
N GLU A 209 6.73 2.79 5.27
CA GLU A 209 5.90 2.61 4.09
C GLU A 209 6.19 3.72 3.10
N MET A 210 6.62 3.35 1.90
CA MET A 210 6.83 4.31 0.84
C MET A 210 5.67 4.16 -0.13
N ASP A 211 4.67 5.04 -0.02
CA ASP A 211 3.50 4.97 -0.89
C ASP A 211 3.83 5.64 -2.21
N VAL A 212 4.39 4.87 -3.12
CA VAL A 212 4.71 5.36 -4.45
C VAL A 212 3.47 5.85 -5.14
N TRP A 213 2.38 5.08 -5.03
CA TRP A 213 1.20 5.32 -5.86
C TRP A 213 -0.04 4.97 -5.08
N GLU A 214 -0.82 5.96 -4.70
CA GLU A 214 -2.19 5.75 -4.22
C GLU A 214 -3.06 6.60 -5.10
N ALA A 215 -4.02 6.00 -5.80
CA ALA A 215 -4.67 6.72 -6.89
C ALA A 215 -5.95 6.09 -7.35
N ASN A 216 -6.77 6.95 -7.95
CA ASN A 216 -7.86 6.50 -8.81
C ASN A 216 -7.88 7.43 -10.02
N SER A 217 -8.97 7.44 -10.78
CA SER A 217 -9.05 8.28 -11.97
C SER A 217 -9.20 9.76 -11.66
N ILE A 218 -9.42 10.10 -10.39
CA ILE A 218 -9.60 11.48 -9.96
C ILE A 218 -8.30 12.11 -9.44
N SER A 219 -7.62 11.43 -8.51
CA SER A 219 -6.43 11.99 -7.88
C SER A 219 -5.40 10.94 -7.59
N ASN A 220 -4.17 11.37 -7.39
CA ASN A 220 -3.09 10.48 -6.92
C ASN A 220 -2.24 11.19 -5.87
N ALA A 221 -1.60 10.40 -5.02
CA ALA A 221 -0.63 10.92 -4.05
C ALA A 221 0.58 10.02 -3.99
N VAL A 222 1.75 10.64 -3.80
CA VAL A 222 3.00 9.94 -3.47
C VAL A 222 3.42 10.38 -2.07
N THR A 223 3.68 9.43 -1.18
CA THR A 223 3.79 9.73 0.25
C THR A 223 4.74 8.78 0.99
N PRO A 224 5.93 9.24 1.42
CA PRO A 224 6.71 8.47 2.39
C PRO A 224 6.14 8.60 3.81
N HIS A 225 6.16 7.50 4.55
CA HIS A 225 5.77 7.43 5.96
C HIS A 225 6.86 6.75 6.78
N PRO A 226 7.62 7.49 7.57
CA PRO A 226 8.64 6.86 8.42
C PRO A 226 8.09 6.30 9.70
N CYS A 227 8.80 5.30 10.23
CA CYS A 227 8.59 4.78 11.58
C CYS A 227 9.86 4.82 12.41
N ASP A 228 9.69 4.84 13.72
CA ASP A 228 10.85 4.88 14.61
C ASP A 228 11.73 3.65 14.45
N THR A 229 11.12 2.47 14.30
CA THR A 229 11.86 1.29 13.90
C THR A 229 11.54 1.09 12.42
N PRO A 230 12.52 1.04 11.53
CA PRO A 230 12.20 0.99 10.11
C PRO A 230 11.44 -0.28 9.70
N GLY A 231 11.89 -1.44 10.19
CA GLY A 231 11.33 -2.72 9.78
C GLY A 231 10.18 -3.15 10.66
N GLN A 232 9.69 -4.35 10.39
CA GLN A 232 8.47 -4.83 10.99
C GLN A 232 8.63 -5.04 12.48
N THR A 233 7.65 -4.53 13.23
CA THR A 233 7.60 -4.69 14.68
C THR A 233 6.15 -4.78 15.15
N MET A 234 5.90 -5.53 16.20
CA MET A 234 4.55 -5.62 16.73
C MET A 234 4.31 -4.55 17.76
N CYS A 235 3.13 -3.96 17.72
CA CYS A 235 2.69 -3.03 18.74
C CYS A 235 1.49 -3.64 19.44
N SER A 236 1.09 -3.09 20.58
CA SER A 236 -0.11 -3.55 21.23
C SER A 236 -0.99 -2.42 21.72
N GLY A 237 -2.27 -2.57 21.47
CA GLY A 237 -3.25 -1.69 22.05
C GLY A 237 -3.29 -0.35 21.37
N ASP A 238 -3.86 0.62 22.05
CA ASP A 238 -4.01 1.92 21.43
C ASP A 238 -2.67 2.65 21.27
N ASP A 239 -1.60 2.20 21.93
CA ASP A 239 -0.27 2.76 21.66
C ASP A 239 0.24 2.40 20.26
N CYS A 240 -0.46 1.53 19.54
CA CYS A 240 -0.17 1.30 18.14
C CYS A 240 -0.31 2.56 17.31
N GLY A 241 -1.23 3.44 17.68
CA GLY A 241 -1.58 4.56 16.84
C GLY A 241 -2.13 4.07 15.52
N GLY A 242 -2.05 4.90 14.49
CA GLY A 242 -2.59 4.54 13.19
C GLY A 242 -4.09 4.71 13.15
N THR A 243 -4.64 4.55 11.96
CA THR A 243 -6.03 4.89 11.72
C THR A 243 -7.03 4.30 12.74
N TYR A 244 -6.86 3.04 13.10
CA TYR A 244 -7.89 2.37 13.90
C TYR A 244 -7.67 2.31 15.41
N SER A 245 -6.59 2.91 15.90
CA SER A 245 -6.44 3.11 17.34
C SER A 245 -7.21 4.37 17.73
N ASN A 246 -7.37 4.59 19.03
CA ASN A 246 -8.09 5.74 19.53
C ASN A 246 -7.47 7.04 19.04
N ASP A 247 -6.14 7.10 19.10
CA ASP A 247 -5.37 8.28 18.73
C ASP A 247 -4.36 7.88 17.66
N ARG A 248 -4.56 8.36 16.44
CA ARG A 248 -3.72 7.93 15.34
C ARG A 248 -2.27 8.37 15.56
N TYR A 249 -2.02 9.37 16.41
CA TYR A 249 -0.65 9.86 16.66
C TYR A 249 0.02 9.31 17.93
N ALA A 250 -0.55 8.27 18.52
CA ALA A 250 -0.06 7.72 19.79
C ALA A 250 1.10 6.74 19.65
N GLY A 251 1.46 6.38 18.42
CA GLY A 251 2.40 5.31 18.20
C GLY A 251 3.75 5.71 17.61
N THR A 252 4.38 4.74 16.98
CA THR A 252 5.76 4.86 16.52
C THR A 252 5.92 5.15 15.00
N CYS A 253 4.80 5.24 14.30
CA CYS A 253 4.82 5.50 12.86
C CYS A 253 4.03 6.76 12.51
N ASP A 254 4.43 7.45 11.46
CA ASP A 254 3.71 8.59 10.94
C ASP A 254 2.52 8.13 10.08
N PRO A 255 1.29 8.32 10.55
CA PRO A 255 0.15 7.81 9.80
C PRO A 255 -0.24 8.70 8.62
N ASP A 256 0.28 9.93 8.58
CA ASP A 256 -0.14 10.90 7.57
C ASP A 256 0.84 10.97 6.41
N GLY A 257 2.13 10.98 6.72
CA GLY A 257 3.18 11.03 5.72
C GLY A 257 3.42 12.40 5.14
N CYS A 258 4.48 12.53 4.35
CA CYS A 258 4.71 13.75 3.61
C CYS A 258 4.23 13.51 2.19
N ASP A 259 3.03 14.00 1.89
CA ASP A 259 2.36 13.70 0.63
C ASP A 259 2.48 14.76 -0.45
N PHE A 260 2.59 14.32 -1.69
CA PHE A 260 2.43 15.21 -2.83
C PHE A 260 1.30 14.64 -3.70
N ASN A 261 0.16 15.34 -3.66
CA ASN A 261 -1.00 15.11 -4.53
C ASN A 261 -1.15 16.41 -5.32
N PRO A 262 -0.95 16.40 -6.64
CA PRO A 262 -0.90 17.66 -7.38
C PRO A 262 -2.14 18.54 -7.22
N TYR A 263 -3.31 17.92 -7.09
CA TYR A 263 -4.56 18.65 -6.84
C TYR A 263 -4.51 19.34 -5.49
N ARG A 264 -4.10 18.63 -4.46
CA ARG A 264 -3.97 19.19 -3.11
C ARG A 264 -2.91 20.28 -3.11
N MET A 265 -1.88 20.14 -3.94
CA MET A 265 -0.80 21.14 -4.05
C MET A 265 -1.15 22.27 -5.01
N GLY A 266 -2.42 22.38 -5.41
CA GLY A 266 -2.89 23.59 -6.03
C GLY A 266 -2.93 23.59 -7.55
N ASN A 267 -2.78 22.43 -8.19
CA ASN A 267 -2.90 22.33 -9.65
C ASN A 267 -3.95 21.28 -9.97
N THR A 268 -5.20 21.71 -10.17
CA THR A 268 -6.30 20.80 -10.42
C THR A 268 -6.36 20.35 -11.87
N SER A 269 -5.61 20.99 -12.76
CA SER A 269 -5.70 20.65 -14.18
CA SER A 269 -5.62 20.74 -14.21
C SER A 269 -4.69 19.60 -14.61
N PHE A 270 -3.83 19.18 -13.68
CA PHE A 270 -2.76 18.26 -14.04
C PHE A 270 -3.19 16.82 -14.26
N TYR A 271 -3.95 16.25 -13.34
CA TYR A 271 -4.19 14.80 -13.33
C TYR A 271 -5.67 14.53 -13.16
N GLY A 272 -6.24 13.74 -14.06
CA GLY A 272 -7.66 13.38 -14.01
C GLY A 272 -8.20 13.12 -15.40
N PRO A 273 -9.52 12.98 -15.54
CA PRO A 273 -10.05 12.61 -16.85
C PRO A 273 -9.84 13.77 -17.85
N GLY A 274 -9.24 13.48 -18.99
CA GLY A 274 -8.97 14.48 -20.01
C GLY A 274 -7.95 15.53 -19.61
N LYS A 275 -7.24 15.37 -18.51
CA LYS A 275 -6.29 16.37 -18.03
C LYS A 275 -4.90 16.13 -18.65
N ILE A 276 -3.89 16.84 -18.14
CA ILE A 276 -2.55 16.76 -18.73
C ILE A 276 -2.03 15.32 -18.71
N ILE A 277 -2.21 14.66 -17.58
CA ILE A 277 -2.15 13.21 -17.49
C ILE A 277 -3.61 12.77 -17.50
N ASP A 278 -4.02 12.11 -18.59
CA ASP A 278 -5.41 11.80 -18.88
C ASP A 278 -5.72 10.42 -18.33
N THR A 279 -6.47 10.37 -17.25
CA THR A 279 -6.69 9.11 -16.56
C THR A 279 -7.67 8.19 -17.25
N THR A 280 -8.27 8.64 -18.35
CA THR A 280 -9.09 7.73 -19.16
C THR A 280 -8.25 6.77 -19.98
N LYS A 281 -6.94 6.97 -20.04
CA LYS A 281 -6.04 6.11 -20.80
C LYS A 281 -4.87 5.69 -19.90
N PRO A 282 -4.23 4.55 -20.19
CA PRO A 282 -3.07 4.15 -19.39
C PRO A 282 -1.92 5.16 -19.48
N PHE A 283 -1.02 5.11 -18.50
CA PHE A 283 0.16 5.95 -18.49
C PHE A 283 1.25 5.30 -17.66
N THR A 284 2.44 5.87 -17.73
CA THR A 284 3.61 5.37 -17.03
C THR A 284 3.93 6.32 -15.87
N VAL A 285 4.25 5.75 -14.72
CA VAL A 285 4.61 6.48 -13.52
C VAL A 285 6.04 6.13 -13.15
N VAL A 286 6.93 7.12 -13.14
CA VAL A 286 8.32 6.97 -12.77
C VAL A 286 8.58 7.68 -11.45
N THR A 287 9.30 7.03 -10.54
CA THR A 287 9.63 7.59 -9.25
C THR A 287 11.11 7.35 -8.98
N GLN A 288 11.80 8.40 -8.57
CA GLN A 288 13.24 8.37 -8.30
C GLN A 288 13.51 8.69 -6.85
N PHE A 289 14.40 7.91 -6.25
CA PHE A 289 14.76 8.06 -4.84
C PHE A 289 16.21 8.54 -4.76
N LEU A 290 16.38 9.84 -4.74
CA LEU A 290 17.71 10.43 -4.82
CA LEU A 290 17.70 10.45 -4.81
C LEU A 290 18.30 10.56 -3.43
N THR A 291 19.62 10.47 -3.38
CA THR A 291 20.35 10.64 -2.15
C THR A 291 21.20 11.93 -2.18
N ASP A 292 21.60 12.37 -1.00
CA ASP A 292 22.25 13.68 -0.85
C ASP A 292 23.54 13.80 -1.63
N ASP A 293 24.29 12.71 -1.77
CA ASP A 293 25.55 12.74 -2.53
C ASP A 293 25.45 12.00 -3.84
N GLY A 294 24.27 11.53 -4.21
CA GLY A 294 24.08 10.84 -5.48
C GLY A 294 24.63 9.43 -5.56
N THR A 295 25.00 8.87 -4.41
CA THR A 295 25.54 7.52 -4.35
C THR A 295 24.59 6.56 -3.63
N ASP A 296 24.88 5.27 -3.72
CA ASP A 296 24.04 4.28 -3.08
C ASP A 296 24.03 4.36 -1.56
N THR A 297 25.06 4.99 -0.99
CA THR A 297 25.20 5.07 0.46
C THR A 297 24.91 6.45 1.03
N GLY A 298 24.47 7.36 0.18
CA GLY A 298 23.99 8.65 0.64
C GLY A 298 22.67 8.54 1.39
N THR A 299 22.26 9.63 2.03
CA THR A 299 20.99 9.74 2.74
C THR A 299 19.90 10.17 1.77
N LEU A 300 18.77 9.46 1.81
CA LEU A 300 17.61 9.82 1.00
C LEU A 300 17.34 11.33 1.15
N SER A 301 17.28 12.05 0.04
CA SER A 301 17.17 13.52 0.08
C SER A 301 16.02 14.08 -0.75
N GLU A 302 15.57 13.32 -1.73
CA GLU A 302 14.59 13.86 -2.66
C GLU A 302 13.89 12.74 -3.37
N ILE A 303 12.56 12.82 -3.46
CA ILE A 303 11.78 11.86 -4.22
C ILE A 303 11.15 12.62 -5.39
N LYS A 304 11.50 12.23 -6.60
CA LYS A 304 11.00 12.88 -7.82
C LYS A 304 10.05 11.98 -8.59
N ARG A 305 9.15 12.61 -9.35
CA ARG A 305 8.11 11.94 -10.11
C ARG A 305 8.07 12.49 -11.55
N PHE A 306 8.01 11.57 -12.50
CA PHE A 306 7.72 11.86 -13.90
C PHE A 306 6.61 10.94 -14.38
N TYR A 307 5.82 11.41 -15.32
CA TYR A 307 4.80 10.59 -15.97
C TYR A 307 5.15 10.49 -17.45
N ILE A 308 4.76 9.42 -18.11
CA ILE A 308 4.92 9.33 -19.55
C ILE A 308 3.58 8.87 -20.12
N GLN A 309 3.03 9.64 -21.06
CA GLN A 309 1.79 9.26 -21.71
C GLN A 309 1.89 9.74 -23.14
N ASN A 310 1.52 8.87 -24.08
CA ASN A 310 1.70 9.14 -25.51
C ASN A 310 3.15 9.52 -25.81
N SER A 311 4.07 8.87 -25.12
CA SER A 311 5.51 9.08 -25.29
C SER A 311 6.04 10.43 -24.85
N ASN A 312 5.18 11.27 -24.25
CA ASN A 312 5.60 12.57 -23.72
C ASN A 312 5.97 12.41 -22.26
N VAL A 313 7.18 12.84 -21.92
CA VAL A 313 7.71 12.80 -20.56
C VAL A 313 7.33 14.09 -19.85
N ILE A 314 6.60 13.96 -18.76
CA ILE A 314 5.96 15.09 -18.11
C ILE A 314 6.34 15.12 -16.64
N PRO A 315 7.12 16.11 -16.19
CA PRO A 315 7.43 16.19 -14.76
C PRO A 315 6.21 16.51 -13.91
N GLN A 316 6.24 16.07 -12.66
CA GLN A 316 5.30 16.52 -11.66
C GLN A 316 5.17 18.03 -11.72
N PRO A 317 3.95 18.56 -11.57
CA PRO A 317 3.83 20.03 -11.51
C PRO A 317 4.40 20.58 -10.22
N ASN A 318 4.76 21.86 -10.26
CA ASN A 318 5.13 22.57 -9.06
C ASN A 318 3.95 22.76 -8.11
N SER A 319 4.25 22.77 -6.82
CA SER A 319 3.32 23.27 -5.85
C SER A 319 2.91 24.68 -6.22
N ASP A 320 1.62 24.97 -6.12
CA ASP A 320 1.10 26.33 -6.20
C ASP A 320 0.47 26.73 -4.85
N ILE A 321 1.03 26.22 -3.77
CA ILE A 321 0.64 26.58 -2.42
C ILE A 321 1.66 27.60 -1.90
N SER A 322 1.16 28.73 -1.41
CA SER A 322 2.06 29.72 -0.82
C SER A 322 2.86 29.12 0.32
N GLY A 323 4.17 29.35 0.29
CA GLY A 323 5.08 28.83 1.29
C GLY A 323 5.76 27.52 0.92
N VAL A 324 5.22 26.82 -0.08
CA VAL A 324 5.67 25.47 -0.40
C VAL A 324 6.14 25.42 -1.85
N THR A 325 7.42 25.15 -2.04
CA THR A 325 8.10 25.32 -3.31
C THR A 325 8.52 23.99 -3.94
N GLY A 326 8.34 23.91 -5.25
CA GLY A 326 8.92 22.83 -6.04
C GLY A 326 7.96 21.69 -6.32
N ASN A 327 8.48 20.68 -7.01
CA ASN A 327 7.67 19.58 -7.51
C ASN A 327 8.12 18.25 -6.93
N SER A 328 8.92 18.25 -5.89
CA SER A 328 9.51 17.03 -5.35
C SER A 328 9.41 16.99 -3.82
N ILE A 329 9.59 15.81 -3.25
CA ILE A 329 9.55 15.62 -1.81
C ILE A 329 10.96 15.70 -1.24
N THR A 330 11.17 16.71 -0.39
CA THR A 330 12.44 16.99 0.28
C THR A 330 12.10 17.39 1.71
N THR A 331 13.08 17.43 2.60
CA THR A 331 12.81 17.91 3.95
C THR A 331 12.19 19.30 3.96
N GLU A 332 12.75 20.20 3.16
CA GLU A 332 12.24 21.58 3.14
C GLU A 332 10.79 21.61 2.69
N PHE A 333 10.47 20.86 1.64
CA PHE A 333 9.08 20.80 1.14
C PHE A 333 8.17 20.28 2.23
N CYS A 334 8.57 19.21 2.91
CA CYS A 334 7.72 18.56 3.88
C CYS A 334 7.46 19.47 5.08
N THR A 335 8.50 20.13 5.55
CA THR A 335 8.34 21.06 6.68
C THR A 335 7.37 22.17 6.30
N ALA A 336 7.57 22.74 5.11
CA ALA A 336 6.76 23.84 4.62
C ALA A 336 5.30 23.43 4.39
N GLN A 337 5.11 22.22 3.87
CA GLN A 337 3.77 21.75 3.53
C GLN A 337 2.95 21.58 4.80
N LYS A 338 3.54 20.95 5.81
CA LYS A 338 2.80 20.77 7.07
C LYS A 338 2.43 22.13 7.68
N GLN A 339 3.34 23.09 7.60
CA GLN A 339 3.06 24.43 8.14
C GLN A 339 1.94 25.10 7.36
N ALA A 340 1.99 25.04 6.05
CA ALA A 340 1.00 25.71 5.21
C ALA A 340 -0.38 25.13 5.42
N PHE A 341 -0.48 23.81 5.56
CA PHE A 341 -1.76 23.14 5.69
C PHE A 341 -2.25 23.08 7.12
N GLY A 342 -1.41 23.45 8.08
CA GLY A 342 -1.76 23.34 9.50
C GLY A 342 -1.85 21.91 10.04
N ASP A 343 -1.18 20.98 9.39
CA ASP A 343 -1.20 19.58 9.77
C ASP A 343 -0.04 19.31 10.71
N THR A 344 -0.22 18.41 11.66
CA THR A 344 0.84 18.13 12.59
CA THR A 344 0.83 18.09 12.60
C THR A 344 2.03 17.49 11.85
N ASP A 345 3.23 17.89 12.24
CA ASP A 345 4.42 17.44 11.54
C ASP A 345 4.90 16.10 12.13
N ASP A 346 4.07 15.08 11.98
CA ASP A 346 4.43 13.76 12.50
C ASP A 346 5.54 13.13 11.68
N PHE A 347 5.65 13.54 10.41
CA PHE A 347 6.73 13.11 9.52
C PHE A 347 8.09 13.42 10.13
N SER A 348 8.29 14.67 10.55
CA SER A 348 9.54 15.05 11.18
C SER A 348 9.70 14.34 12.53
N GLN A 349 8.62 14.18 13.29
CA GLN A 349 8.70 13.54 14.60
C GLN A 349 9.23 12.12 14.52
N HIS A 350 8.92 11.42 13.43
CA HIS A 350 9.35 10.04 13.27
C HIS A 350 10.54 9.89 12.34
N GLY A 351 11.28 10.97 12.13
CA GLY A 351 12.58 10.88 11.47
C GLY A 351 12.63 11.24 10.00
N GLY A 352 11.49 11.62 9.42
CA GLY A 352 11.46 12.13 8.07
C GLY A 352 12.13 11.24 7.04
N LEU A 353 12.76 11.89 6.09
CA LEU A 353 13.44 11.18 5.03
C LEU A 353 14.62 10.35 5.53
N ALA A 354 15.28 10.76 6.61
CA ALA A 354 16.38 9.96 7.15
C ALA A 354 15.87 8.60 7.60
N LYS A 355 14.74 8.55 8.29
CA LYS A 355 14.22 7.27 8.71
C LYS A 355 13.55 6.51 7.57
N MET A 356 12.95 7.21 6.62
CA MET A 356 12.44 6.54 5.43
C MET A 356 13.61 5.87 4.70
N GLY A 357 14.71 6.58 4.54
CA GLY A 357 15.87 6.03 3.87
C GLY A 357 16.48 4.89 4.62
N ALA A 358 16.48 4.92 5.94
CA ALA A 358 16.97 3.78 6.72
C ALA A 358 16.13 2.54 6.42
N ALA A 359 14.82 2.69 6.30
CA ALA A 359 13.97 1.58 5.91
C ALA A 359 14.33 1.09 4.52
N MET A 360 14.59 2.01 3.59
CA MET A 360 15.00 1.61 2.25
C MET A 360 16.29 0.81 2.28
N GLN A 361 17.19 1.17 3.19
CA GLN A 361 18.44 0.44 3.35
C GLN A 361 18.19 -0.97 3.80
N GLN A 362 17.18 -1.19 4.63
CA GLN A 362 16.85 -2.53 5.12
C GLN A 362 16.28 -3.45 4.05
N GLY A 363 15.73 -2.84 3.01
CA GLY A 363 15.09 -3.56 1.92
C GLY A 363 13.58 -3.54 2.10
N MET A 364 12.87 -3.40 0.98
CA MET A 364 11.42 -3.27 1.02
C MET A 364 10.75 -4.18 -0.01
N VAL A 365 9.52 -4.57 0.32
CA VAL A 365 8.68 -5.46 -0.48
C VAL A 365 7.67 -4.63 -1.30
N LEU A 366 7.49 -4.98 -2.57
CA LEU A 366 6.51 -4.36 -3.45
C LEU A 366 5.13 -4.94 -3.22
N VAL A 367 4.19 -4.04 -2.97
CA VAL A 367 2.78 -4.32 -2.77
C VAL A 367 1.96 -3.72 -3.89
N MET A 368 1.01 -4.49 -4.40
CA MET A 368 0.01 -4.02 -5.36
C MET A 368 -1.36 -4.39 -4.82
N SER A 369 -2.25 -3.41 -4.74
CA SER A 369 -3.51 -3.61 -4.06
C SER A 369 -4.63 -2.78 -4.66
N LEU A 370 -5.83 -3.13 -4.25
CA LEU A 370 -7.04 -2.38 -4.58
C LEU A 370 -7.94 -2.43 -3.37
N TRP A 371 -8.34 -1.28 -2.85
CA TRP A 371 -9.14 -1.25 -1.64
C TRP A 371 -10.12 -0.07 -1.61
N ASP A 372 -11.14 -0.21 -0.78
CA ASP A 372 -11.99 0.90 -0.37
C ASP A 372 -11.84 1.12 1.12
N ASP A 373 -12.34 2.24 1.62
CA ASP A 373 -11.89 2.80 2.88
C ASP A 373 -13.02 2.88 3.90
N TYR A 374 -13.00 1.94 4.83
CA TYR A 374 -14.00 1.80 5.88
C TYR A 374 -13.78 2.76 7.06
N ALA A 375 -12.77 3.62 6.97
CA ALA A 375 -12.54 4.67 7.97
C ALA A 375 -12.91 6.07 7.47
N ALA A 376 -12.48 6.40 6.26
CA ALA A 376 -12.63 7.77 5.78
C ALA A 376 -13.04 7.89 4.30
N GLN A 377 -13.51 6.79 3.70
CA GLN A 377 -14.13 6.80 2.37
C GLN A 377 -13.21 7.32 1.25
N MET A 378 -11.91 7.28 1.46
CA MET A 378 -10.91 7.77 0.53
C MET A 378 -11.02 9.28 0.31
N LEU A 379 -11.75 9.98 1.18
CA LEU A 379 -11.94 11.42 1.02
C LEU A 379 -10.62 12.18 1.09
N TRP A 380 -9.70 11.64 1.88
CA TRP A 380 -8.37 12.20 2.03
C TRP A 380 -7.59 12.21 0.72
N LEU A 381 -7.93 11.31 -0.20
CA LEU A 381 -7.27 11.22 -1.49
C LEU A 381 -7.97 12.05 -2.56
N ASP A 382 -9.32 12.04 -2.57
CA ASP A 382 -10.04 12.51 -3.75
C ASP A 382 -11.17 13.49 -3.50
N SER A 383 -11.31 13.99 -2.28
CA SER A 383 -12.44 14.87 -1.96
C SER A 383 -11.95 16.08 -1.14
N ASP A 384 -12.85 16.67 -0.36
CA ASP A 384 -12.56 17.78 0.53
C ASP A 384 -12.52 17.20 1.93
N TYR A 385 -11.39 17.32 2.61
CA TYR A 385 -11.18 16.59 3.84
C TYR A 385 -10.31 17.38 4.79
N PRO A 386 -10.70 17.47 6.07
CA PRO A 386 -11.96 17.03 6.66
C PRO A 386 -13.18 17.67 6.00
N THR A 387 -14.30 16.99 6.10
CA THR A 387 -15.48 17.38 5.35
C THR A 387 -16.17 18.63 5.90
N ASP A 388 -15.82 19.03 7.13
CA ASP A 388 -16.41 20.24 7.75
C ASP A 388 -15.65 21.51 7.39
N ALA A 389 -14.46 21.37 6.81
CA ALA A 389 -13.62 22.53 6.52
C ALA A 389 -14.05 23.25 5.25
N ASP A 390 -13.62 24.49 5.08
CA ASP A 390 -13.85 25.27 3.87
C ASP A 390 -12.96 24.68 2.78
N PRO A 391 -13.57 24.20 1.66
CA PRO A 391 -12.74 23.64 0.58
C PRO A 391 -11.76 24.57 -0.07
N THR A 392 -11.87 25.88 0.18
CA THR A 392 -10.89 26.81 -0.36
C THR A 392 -9.67 27.00 0.54
N THR A 393 -9.70 26.47 1.74
CA THR A 393 -8.54 26.56 2.61
C THR A 393 -7.43 25.64 2.10
N PRO A 394 -6.18 26.12 2.00
CA PRO A 394 -5.13 25.23 1.50
C PRO A 394 -5.03 23.96 2.31
N GLY A 395 -4.96 22.86 1.57
CA GLY A 395 -4.80 21.54 2.15
C GLY A 395 -6.10 20.74 2.20
N ILE A 396 -7.25 21.40 2.10
CA ILE A 396 -8.52 20.71 2.22
C ILE A 396 -8.95 19.95 0.97
N ALA A 397 -8.89 20.59 -0.19
CA ALA A 397 -9.37 19.99 -1.43
C ALA A 397 -8.30 19.09 -2.07
N ARG A 398 -8.62 17.82 -2.23
CA ARG A 398 -7.68 16.82 -2.76
C ARG A 398 -8.13 16.21 -4.09
N GLY A 399 -9.40 16.40 -4.43
CA GLY A 399 -9.94 15.95 -5.70
C GLY A 399 -11.34 16.46 -5.85
N THR A 400 -12.03 16.00 -6.90
CA THR A 400 -13.34 16.51 -7.29
C THR A 400 -14.51 15.81 -6.63
N CYS A 401 -14.26 14.74 -5.91
CA CYS A 401 -15.35 13.90 -5.42
C CYS A 401 -16.14 14.60 -4.32
N PRO A 402 -17.47 14.41 -4.30
CA PRO A 402 -18.25 15.00 -3.20
C PRO A 402 -17.94 14.35 -1.86
N THR A 403 -18.20 15.06 -0.76
CA THR A 403 -17.89 14.51 0.54
C THR A 403 -18.78 13.36 0.96
N ASP A 404 -19.88 13.10 0.24
CA ASP A 404 -20.69 11.91 0.54
C ASP A 404 -20.31 10.70 -0.30
N SER A 405 -19.20 10.79 -1.04
CA SER A 405 -18.73 9.72 -1.92
C SER A 405 -17.94 8.68 -1.14
N GLY A 406 -17.69 7.54 -1.80
CA GLY A 406 -16.77 6.56 -1.29
C GLY A 406 -17.23 5.69 -0.13
N VAL A 407 -18.50 5.76 0.27
CA VAL A 407 -18.98 4.86 1.31
C VAL A 407 -18.88 3.43 0.75
N PRO A 408 -18.24 2.50 1.50
CA PRO A 408 -18.06 1.15 0.94
C PRO A 408 -19.34 0.49 0.45
N SER A 409 -20.43 0.59 1.19
CA SER A 409 -21.65 -0.07 0.75
C SER A 409 -22.15 0.52 -0.56
N ASP A 410 -21.91 1.80 -0.81
CA ASP A 410 -22.28 2.41 -2.09
C ASP A 410 -21.36 1.96 -3.21
N VAL A 411 -20.05 2.10 -3.04
CA VAL A 411 -19.15 1.80 -4.16
C VAL A 411 -19.05 0.32 -4.47
N GLU A 412 -19.23 -0.54 -3.47
CA GLU A 412 -19.22 -1.95 -3.75
C GLU A 412 -20.46 -2.37 -4.53
N SER A 413 -21.59 -1.72 -4.27
CA SER A 413 -22.83 -1.95 -5.02
C SER A 413 -22.80 -1.33 -6.42
N GLN A 414 -22.26 -0.12 -6.53
CA GLN A 414 -22.32 0.63 -7.79
C GLN A 414 -21.16 0.41 -8.74
N SER A 415 -20.02 -0.04 -8.24
CA SER A 415 -18.85 -0.20 -9.09
C SER A 415 -18.15 -1.55 -8.93
N PRO A 416 -18.91 -2.64 -8.89
CA PRO A 416 -18.25 -3.93 -8.61
C PRO A 416 -17.27 -4.36 -9.66
N ASN A 417 -17.46 -3.95 -10.91
CA ASN A 417 -16.58 -4.33 -12.01
C ASN A 417 -15.42 -3.39 -12.23
N SER A 418 -15.24 -2.42 -11.34
CA SER A 418 -14.04 -1.63 -11.36
C SER A 418 -12.81 -2.51 -11.14
N TYR A 419 -11.67 -2.01 -11.57
CA TYR A 419 -10.42 -2.78 -11.51
C TYR A 419 -9.28 -1.80 -11.60
N VAL A 420 -8.07 -2.27 -11.25
CA VAL A 420 -6.82 -1.58 -11.58
C VAL A 420 -5.92 -2.58 -12.25
N THR A 421 -5.14 -2.13 -13.24
CA THR A 421 -4.16 -2.99 -13.90
C THR A 421 -2.80 -2.34 -13.86
N TYR A 422 -1.85 -3.05 -13.26
CA TYR A 422 -0.45 -2.63 -13.20
C TYR A 422 0.33 -3.41 -14.22
N SER A 423 1.28 -2.81 -14.90
CA SER A 423 2.06 -3.56 -15.89
C SER A 423 3.42 -2.95 -16.11
N ASN A 424 4.27 -3.68 -16.81
CA ASN A 424 5.52 -3.15 -17.31
C ASN A 424 6.39 -2.55 -16.22
N ILE A 425 6.56 -3.28 -15.13
CA ILE A 425 7.42 -2.83 -14.04
C ILE A 425 8.88 -2.83 -14.51
N LYS A 426 9.58 -1.75 -14.23
CA LYS A 426 11.00 -1.60 -14.54
C LYS A 426 11.71 -0.98 -13.35
N PHE A 427 12.92 -1.45 -13.05
CA PHE A 427 13.66 -0.97 -11.89
C PHE A 427 15.14 -0.92 -12.22
N GLY A 428 15.81 0.15 -11.83
CA GLY A 428 17.25 0.23 -12.04
C GLY A 428 17.81 1.56 -11.62
N PRO A 429 19.03 1.87 -12.06
CA PRO A 429 19.64 3.17 -11.78
C PRO A 429 18.77 4.33 -12.23
N ILE A 430 19.03 5.49 -11.63
CA ILE A 430 18.40 6.72 -12.07
C ILE A 430 18.56 6.87 -13.58
N ASN A 431 17.47 7.24 -14.23
CA ASN A 431 17.32 7.46 -15.66
C ASN A 431 17.33 6.20 -16.52
N SER A 432 17.38 5.02 -15.91
CA SER A 432 17.51 3.80 -16.71
C SER A 432 16.19 3.24 -17.24
N THR A 433 15.06 3.71 -16.70
CA THR A 433 13.77 3.11 -17.03
C THR A 433 12.97 3.89 -18.06
N PHE A 434 13.40 5.10 -18.41
CA PHE A 434 12.65 5.97 -19.32
C PHE A 434 13.58 6.94 -20.02
N THR A 435 13.03 7.73 -20.95
CA THR A 435 13.82 8.70 -21.70
C THR A 435 13.91 10.03 -20.98
N ALA A 436 14.99 10.24 -20.24
CA ALA A 436 15.10 11.40 -19.34
C ALA A 436 15.38 12.65 -20.16
C1 NAG B . -0.35 22.66 -13.80
C2 NAG B . -0.26 24.10 -14.31
C3 NAG B . 0.24 24.15 -15.75
C4 NAG B . 1.49 23.32 -15.98
C5 NAG B . 1.25 21.93 -15.42
C6 NAG B . 2.47 21.01 -15.54
C7 NAG B . -1.95 25.53 -13.29
C8 NAG B . -3.34 26.09 -13.43
N2 NAG B . -1.58 24.70 -14.24
O3 NAG B . 0.49 25.51 -16.08
O4 NAG B . 1.69 23.19 -17.38
O5 NAG B . 0.88 22.03 -14.04
O6 NAG B . 3.57 21.59 -14.96
O7 NAG B . -1.26 25.86 -12.34
H2 NAG B . 0.41 24.65 -13.64
H3 NAG B . -0.54 23.75 -16.40
H4 NAG B . 2.33 23.84 -15.53
H5 NAG B . 0.42 21.47 -15.97
H61 NAG B . 2.66 20.82 -16.59
H62 NAG B . 2.25 20.06 -15.06
H81 NAG B . -3.29 27.18 -13.49
H82 NAG B . -3.95 25.80 -12.56
H83 NAG B . -3.80 25.70 -14.33
HN2 NAG B . -2.23 24.47 -14.97
HO3 NAG B . 0.28 26.08 -15.31
HO6 NAG B . 3.34 22.46 -14.59
C1 NAG B . 2.97 23.64 -17.90
C2 NAG B . 3.18 23.00 -19.26
C3 NAG B . 4.47 23.56 -19.85
C4 NAG B . 4.36 25.08 -19.96
C5 NAG B . 3.89 25.71 -18.64
C6 NAG B . 3.54 27.19 -18.81
C7 NAG B . 2.50 20.67 -19.59
C8 NAG B . 2.97 19.24 -19.45
N2 NAG B . 3.35 21.56 -19.12
O3 NAG B . 4.64 23.01 -21.13
O4 NAG B . 5.65 25.57 -20.26
O5 NAG B . 2.76 25.04 -18.08
O6 NAG B . 2.36 27.26 -19.61
O7 NAG B . 1.42 20.96 -20.11
H2 NAG B . 2.30 23.19 -19.88
H3 NAG B . 5.29 23.26 -19.21
H4 NAG B . 3.68 25.31 -20.77
H5 NAG B . 4.71 25.64 -17.92
H61 NAG B . 4.37 27.71 -19.27
H62 NAG B . 3.35 27.64 -17.84
H81 NAG B . 3.03 18.77 -20.44
H82 NAG B . 2.25 18.68 -18.83
H83 NAG B . 3.94 19.21 -18.98
HN2 NAG B . 4.17 21.25 -18.63
HO3 NAG B . 3.90 22.41 -21.32
HO6 NAG B . 2.06 26.37 -19.84
C1 BMA B . 5.75 26.34 -21.47
C2 BMA B . 7.16 26.92 -21.52
C3 BMA B . 7.41 27.55 -22.89
C4 BMA B . 7.05 26.57 -24.01
C5 BMA B . 5.69 25.94 -23.77
C6 BMA B . 5.42 24.86 -24.81
O2 BMA B . 8.14 25.94 -21.21
O3 BMA B . 8.77 27.92 -23.04
O4 BMA B . 7.03 27.26 -25.25
O5 BMA B . 5.63 25.36 -22.48
O6 BMA B . 6.28 23.75 -24.59
H2 BMA B . 7.23 27.73 -20.80
H3 BMA B . 6.78 28.44 -22.98
H4 BMA B . 7.82 25.79 -24.03
H5 BMA B . 4.93 26.71 -23.88
H61 BMA B . 5.57 25.27 -25.81
H62 BMA B . 4.38 24.54 -24.74
HO2 BMA B . 7.70 25.08 -21.02
HO4 BMA B . 7.25 28.20 -25.10
HO6 BMA B . 6.85 23.93 -23.82
C1 MAN B . 9.04 29.27 -22.65
C2 MAN B . 10.40 29.69 -23.20
C3 MAN B . 11.52 29.02 -22.41
C4 MAN B . 11.37 29.29 -20.92
C5 MAN B . 9.95 28.91 -20.48
C6 MAN B . 9.73 29.21 -18.99
O2 MAN B . 10.49 31.10 -23.09
O3 MAN B . 12.80 29.47 -22.86
O4 MAN B . 12.30 28.51 -20.19
O5 MAN B . 8.99 29.57 -21.27
O6 MAN B . 8.43 28.78 -18.60
H2 MAN B . 10.45 29.40 -24.25
H3 MAN B . 11.45 27.94 -22.57
H4 MAN B . 11.56 30.34 -20.74
H5 MAN B . 9.82 27.83 -20.63
H61 MAN B . 9.85 30.28 -18.81
H62 MAN B . 10.48 28.68 -18.40
HO2 MAN B . 9.66 31.46 -22.69
HO3 MAN B . 12.68 30.12 -23.57
HO4 MAN B . 12.84 27.97 -20.82
HO6 MAN B . 7.97 28.38 -19.37
C1 NAG C . 19.07 12.03 -15.15
C2 NAG C . 20.41 12.57 -14.66
C3 NAG C . 20.33 14.07 -14.37
C4 NAG C . 19.73 14.80 -15.56
C5 NAG C . 18.42 14.15 -15.97
C6 NAG C . 17.76 14.80 -17.18
C7 NAG C . 21.97 11.16 -13.45
C8 NAG C . 22.42 10.58 -12.14
N2 NAG C . 20.88 11.90 -13.46
O3 NAG C . 21.60 14.61 -14.06
O4 NAG C . 19.46 16.11 -15.12
O5 NAG C . 18.67 12.79 -16.27
O6 NAG C . 18.58 14.68 -18.32
O7 NAG C . 22.64 10.92 -14.46
H2 NAG C . 21.16 12.42 -15.44
H3 NAG C . 19.66 14.21 -13.52
H4 NAG C . 20.49 14.84 -16.35
H5 NAG C . 17.73 14.20 -15.13
H61 NAG C . 17.58 15.85 -16.97
H62 NAG C . 16.81 14.32 -17.38
H81 NAG C . 23.42 10.96 -11.89
H82 NAG C . 22.44 9.50 -12.21
H83 NAG C . 21.71 10.89 -11.36
HN2 NAG C . 20.33 12.00 -12.61
HO3 NAG C . 22.27 13.90 -14.10
HO6 NAG C . 19.41 14.19 -18.08
C1 NAG C . 19.69 17.16 -16.07
C2 NAG C . 18.86 18.36 -15.63
C3 NAG C . 19.38 19.62 -16.32
C4 NAG C . 20.84 19.81 -15.90
C5 NAG C . 21.68 18.56 -16.10
C6 NAG C . 22.95 18.75 -15.26
C7 NAG C . 16.55 17.84 -14.98
C8 NAG C . 15.12 17.68 -15.43
N2 NAG C . 17.44 18.20 -15.91
O3 NAG C . 18.63 20.75 -15.93
O4 NAG C . 21.39 20.88 -16.61
O5 NAG C . 21.06 17.33 -15.70
O6 NAG C . 23.89 17.75 -15.61
O7 NAG C . 16.83 17.64 -13.80
H2 NAG C . 18.98 18.49 -14.54
H3 NAG C . 19.30 19.47 -17.39
H4 NAG C . 20.85 20.04 -14.83
H5 NAG C . 21.96 18.50 -17.14
H61 NAG C . 22.70 18.69 -14.21
H62 NAG C . 23.37 19.73 -15.46
H81 NAG C . 14.49 18.38 -14.89
H82 NAG C . 14.80 16.67 -15.24
H83 NAG C . 15.06 17.90 -16.50
HN2 NAG C . 17.13 18.36 -16.86
HO3 NAG C . 17.94 20.48 -15.29
HO4 NAG C . 20.72 21.26 -17.23
HO6 NAG C . 23.52 17.18 -16.31
S SO4 D . 15.44 -9.29 4.78
O1 SO4 D . 15.27 -8.09 3.94
O2 SO4 D . 16.30 -8.98 5.90
O3 SO4 D . 14.18 -9.74 5.33
O4 SO4 D . 16.06 -10.33 3.95
S SO4 E . -8.83 -26.29 -5.73
O1 SO4 E . -10.03 -26.44 -4.88
O2 SO4 E . -8.87 -27.27 -6.82
O3 SO4 E . -8.83 -24.95 -6.30
O4 SO4 E . -7.69 -26.48 -4.96
S SO4 F . 15.19 -10.54 -21.83
O1 SO4 F . 16.20 -9.84 -22.63
O2 SO4 F . 15.76 -10.88 -20.55
O3 SO4 F . 14.04 -9.66 -21.68
O4 SO4 F . 14.79 -11.76 -22.52
#